data_6SLW
#
_entry.id   6SLW
#
_cell.length_a   82.001
_cell.length_b   112.204
_cell.length_c   62.864
_cell.angle_alpha   90.000
_cell.angle_beta   90.000
_cell.angle_gamma   90.000
#
_symmetry.space_group_name_H-M   'C 2 2 21'
#
loop_
_entity.id
_entity.type
_entity.pdbx_description
1 polymer '14-3-3 protein sigma'
2 polymer 'WW domain-containing transcription regulator protein 1'
3 non-polymer 4-methyl-5-phenyl-thiophene-2-carboximidamide
4 water water
#
loop_
_entity_poly.entity_id
_entity_poly.type
_entity_poly.pdbx_seq_one_letter_code
_entity_poly.pdbx_strand_id
1 'polypeptide(L)'
;GAMGSMERASLIQKAKLAEQAERYEDMAAFMKGAVEKGEELSCEERNLLSVAYKNVVGGQRAAWRVLSSIEQKSNEEGSE
EKGPEVREYREKVETELQGVCDTVLGLLDSHLIKEAGDAESRVFYLKMKGDYYRYLAEVATGDDKKRIIDSARSAYQEAM
DISKKEMPPTNPIRLGLALNFSVFHYEIANSPEEAISLAKTTFDEAMADLHTLSEDSYKDSTLIMQLLRDNLTLWTADNA
GEEGGEAPQEPQS
;
A
2 'polypeptide(L)' RSH(SEP)SPASLQLGT P
#
# COMPACT_ATOMS: atom_id res chain seq x y z
N GLY A 1 10.00 -22.92 -5.86
CA GLY A 1 8.95 -22.22 -5.05
C GLY A 1 7.92 -21.73 -6.03
N ALA A 2 7.45 -22.67 -6.85
CA ALA A 2 6.81 -22.39 -8.12
C ALA A 2 7.80 -21.74 -9.08
N MET A 3 8.41 -20.62 -8.67
CA MET A 3 9.30 -19.82 -9.52
C MET A 3 10.77 -20.06 -9.24
N GLY A 4 11.10 -21.05 -8.41
CA GLY A 4 12.47 -21.25 -8.00
C GLY A 4 13.39 -21.65 -9.14
N SER A 5 12.85 -22.28 -10.19
CA SER A 5 13.68 -22.70 -11.31
C SER A 5 13.86 -21.62 -12.38
N MET A 6 13.18 -20.47 -12.27
CA MET A 6 13.31 -19.42 -13.27
C MET A 6 14.34 -18.37 -12.85
N GLU A 7 15.14 -17.92 -13.82
CA GLU A 7 16.11 -16.85 -13.60
C GLU A 7 15.45 -15.59 -13.06
N ARG A 8 16.16 -14.91 -12.15
CA ARG A 8 15.67 -13.65 -11.61
C ARG A 8 15.33 -12.66 -12.72
N ALA A 9 16.23 -12.51 -13.71
CA ALA A 9 15.98 -11.54 -14.78
C ALA A 9 14.74 -11.91 -15.59
N SER A 10 14.52 -13.20 -15.83
CA SER A 10 13.34 -13.64 -16.59
C SER A 10 12.07 -13.38 -15.80
N LEU A 11 12.10 -13.60 -14.48
CA LEU A 11 10.98 -13.26 -13.63
C LEU A 11 10.63 -11.78 -13.74
N ILE A 12 11.64 -10.91 -13.69
CA ILE A 12 11.38 -9.48 -13.81
C ILE A 12 10.82 -9.16 -15.19
N GLN A 13 11.40 -9.76 -16.24
CA GLN A 13 10.88 -9.49 -17.58
C GLN A 13 9.43 -9.92 -17.74
N LYS A 14 9.09 -11.09 -17.22
CA LYS A 14 7.71 -11.60 -17.28
C LYS A 14 6.77 -10.79 -16.40
N ALA A 15 7.25 -10.27 -15.26
CA ALA A 15 6.44 -9.34 -14.47
C ALA A 15 6.04 -8.13 -15.31
N LYS A 16 6.98 -7.60 -16.10
CA LYS A 16 6.69 -6.44 -16.95
C LYS A 16 5.71 -6.79 -18.06
N LEU A 17 5.83 -8.00 -18.61
CA LEU A 17 4.89 -8.48 -19.63
C LEU A 17 3.48 -8.64 -19.06
N ALA A 18 3.37 -9.25 -17.88
CA ALA A 18 2.07 -9.43 -17.24
C ALA A 18 1.42 -8.10 -16.92
N GLU A 19 2.21 -7.11 -16.50
CA GLU A 19 1.65 -5.79 -16.32
C GLU A 19 1.04 -5.29 -17.63
N GLN A 20 1.72 -5.49 -18.76
CA GLN A 20 1.18 -5.01 -20.02
C GLN A 20 -0.11 -5.73 -20.38
N ALA A 21 -0.16 -7.02 -20.08
CA ALA A 21 -1.34 -7.82 -20.35
C ALA A 21 -2.39 -7.68 -19.27
N GLU A 22 -2.16 -6.86 -18.25
CA GLU A 22 -3.06 -6.71 -17.10
C GLU A 22 -3.34 -8.05 -16.44
N ARG A 23 -2.29 -8.85 -16.30
CA ARG A 23 -2.34 -10.12 -15.60
C ARG A 23 -1.65 -10.00 -14.25
N TYR A 24 -2.33 -9.31 -13.32
CA TYR A 24 -1.66 -8.89 -12.08
C TYR A 24 -1.41 -10.05 -11.11
N GLU A 25 -2.26 -11.08 -11.12
N GLU A 25 -2.26 -11.08 -11.13
CA GLU A 25 -1.94 -12.26 -10.32
CA GLU A 25 -1.96 -12.26 -10.34
C GLU A 25 -0.65 -12.92 -10.80
C GLU A 25 -0.67 -12.92 -10.79
N ASP A 26 -0.47 -13.03 -12.11
CA ASP A 26 0.79 -13.52 -12.64
C ASP A 26 1.93 -12.57 -12.24
N MET A 27 1.71 -11.27 -12.40
CA MET A 27 2.76 -10.30 -12.11
C MET A 27 3.22 -10.46 -10.66
N ALA A 28 2.27 -10.64 -9.75
CA ALA A 28 2.59 -10.82 -8.34
C ALA A 28 3.41 -12.10 -8.11
N ALA A 29 2.99 -13.21 -8.71
CA ALA A 29 3.73 -14.45 -8.54
C ALA A 29 5.15 -14.30 -9.05
N PHE A 30 5.32 -13.66 -10.22
CA PHE A 30 6.66 -13.41 -10.74
C PHE A 30 7.49 -12.57 -9.77
N MET A 31 6.92 -11.46 -9.26
CA MET A 31 7.71 -10.62 -8.37
C MET A 31 7.96 -11.28 -7.02
N LYS A 32 7.02 -12.08 -6.54
CA LYS A 32 7.30 -12.88 -5.36
C LYS A 32 8.47 -13.80 -5.62
N GLY A 33 8.48 -14.43 -6.80
CA GLY A 33 9.61 -15.28 -7.18
C GLY A 33 10.91 -14.49 -7.20
N ALA A 34 10.88 -13.29 -7.80
CA ALA A 34 12.08 -12.46 -7.84
C ALA A 34 12.57 -12.12 -6.43
N VAL A 35 11.66 -11.75 -5.53
CA VAL A 35 12.05 -11.41 -4.16
C VAL A 35 12.72 -12.58 -3.48
N GLU A 36 12.15 -13.78 -3.64
CA GLU A 36 12.67 -14.96 -2.98
C GLU A 36 14.02 -15.38 -3.52
N LYS A 37 14.53 -14.73 -4.57
CA LYS A 37 15.91 -14.99 -4.96
C LYS A 37 16.89 -14.49 -3.90
N GLY A 38 16.46 -13.58 -3.02
CA GLY A 38 17.27 -13.15 -1.90
C GLY A 38 18.06 -11.88 -2.13
N GLU A 39 18.09 -11.38 -3.33
CA GLU A 39 18.78 -10.13 -3.62
C GLU A 39 17.87 -8.92 -3.36
N GLU A 40 18.49 -7.82 -2.96
CA GLU A 40 17.74 -6.58 -2.80
C GLU A 40 17.10 -6.20 -4.14
N LEU A 41 16.07 -5.36 -4.09
CA LEU A 41 15.36 -4.93 -5.26
C LEU A 41 15.75 -3.53 -5.64
N SER A 42 15.86 -3.28 -6.94
CA SER A 42 16.08 -1.93 -7.42
C SER A 42 14.81 -1.08 -7.24
N CYS A 43 14.92 0.23 -7.50
CA CYS A 43 13.73 1.08 -7.40
C CYS A 43 12.65 0.63 -8.38
N GLU A 44 13.02 0.37 -9.64
CA GLU A 44 12.06 -0.14 -10.62
C GLU A 44 11.40 -1.43 -10.13
N GLU A 45 12.20 -2.36 -9.60
CA GLU A 45 11.66 -3.64 -9.15
C GLU A 45 10.73 -3.49 -7.94
N ARG A 46 11.05 -2.62 -6.97
CA ARG A 46 10.12 -2.36 -5.87
C ARG A 46 8.80 -1.83 -6.37
N ASN A 47 8.84 -0.95 -7.37
CA ASN A 47 7.60 -0.47 -7.94
C ASN A 47 6.82 -1.59 -8.63
N LEU A 48 7.49 -2.52 -9.32
CA LEU A 48 6.78 -3.65 -9.93
C LEU A 48 6.08 -4.51 -8.87
N LEU A 49 6.80 -4.82 -7.79
CA LEU A 49 6.22 -5.54 -6.67
C LEU A 49 4.97 -4.84 -6.15
N SER A 50 5.09 -3.54 -5.86
CA SER A 50 3.96 -2.79 -5.35
C SER A 50 2.79 -2.78 -6.32
N VAL A 51 3.06 -2.51 -7.60
CA VAL A 51 1.98 -2.48 -8.59
C VAL A 51 1.24 -3.82 -8.62
N ALA A 52 1.99 -4.92 -8.64
CA ALA A 52 1.36 -6.22 -8.81
C ALA A 52 0.41 -6.49 -7.65
N TYR A 53 0.93 -6.42 -6.43
CA TYR A 53 0.10 -6.75 -5.27
C TYR A 53 -1.00 -5.74 -5.04
N LYS A 54 -0.76 -4.47 -5.35
CA LYS A 54 -1.81 -3.50 -5.10
C LYS A 54 -3.01 -3.75 -6.00
N ASN A 55 -2.76 -4.20 -7.23
CA ASN A 55 -3.86 -4.53 -8.11
C ASN A 55 -4.55 -5.80 -7.67
N VAL A 56 -3.81 -6.81 -7.24
CA VAL A 56 -4.46 -8.04 -6.78
C VAL A 56 -5.33 -7.75 -5.56
N VAL A 57 -4.75 -7.11 -4.54
CA VAL A 57 -5.52 -6.85 -3.33
C VAL A 57 -6.62 -5.84 -3.63
N GLY A 58 -6.41 -4.97 -4.60
CA GLY A 58 -7.44 -3.99 -4.96
C GLY A 58 -8.71 -4.64 -5.47
N GLY A 59 -8.59 -5.65 -6.32
CA GLY A 59 -9.78 -6.38 -6.76
C GLY A 59 -10.47 -7.14 -5.63
N GLN A 60 -9.69 -7.67 -4.70
CA GLN A 60 -10.26 -8.36 -3.55
C GLN A 60 -11.00 -7.39 -2.61
N ARG A 61 -10.41 -6.23 -2.33
CA ARG A 61 -11.08 -5.23 -1.50
C ARG A 61 -12.38 -4.78 -2.13
N ALA A 62 -12.39 -4.57 -3.44
CA ALA A 62 -13.61 -4.15 -4.10
C ALA A 62 -14.68 -5.24 -4.02
N ALA A 63 -14.29 -6.49 -4.30
CA ALA A 63 -15.22 -7.61 -4.13
C ALA A 63 -15.74 -7.70 -2.70
N TRP A 64 -14.83 -7.63 -1.72
CA TRP A 64 -15.23 -7.72 -0.32
C TRP A 64 -16.25 -6.65 0.04
N ARG A 65 -16.07 -5.45 -0.48
CA ARG A 65 -16.99 -4.36 -0.14
C ARG A 65 -18.36 -4.59 -0.73
N VAL A 66 -18.44 -5.05 -1.98
CA VAL A 66 -19.72 -5.44 -2.58
C VAL A 66 -20.41 -6.46 -1.70
N LEU A 67 -19.68 -7.50 -1.30
CA LEU A 67 -20.30 -8.60 -0.57
C LEU A 67 -20.70 -8.21 0.84
N SER A 68 -19.83 -7.49 1.55
N SER A 68 -19.84 -7.48 1.55
CA SER A 68 -20.15 -7.00 2.90
CA SER A 68 -20.17 -7.01 2.90
C SER A 68 -21.41 -6.14 2.88
C SER A 68 -21.43 -6.16 2.86
N SER A 69 -21.55 -5.31 1.85
CA SER A 69 -22.77 -4.51 1.68
C SER A 69 -24.00 -5.40 1.55
N ILE A 70 -23.93 -6.41 0.70
CA ILE A 70 -25.08 -7.31 0.55
C ILE A 70 -25.37 -8.00 1.88
N GLU A 71 -24.32 -8.42 2.58
CA GLU A 71 -24.47 -9.12 3.84
C GLU A 71 -25.15 -8.23 4.88
N GLN A 72 -24.72 -6.97 4.96
CA GLN A 72 -25.36 -6.03 5.88
C GLN A 72 -26.81 -5.80 5.50
N LYS A 73 -27.09 -5.62 4.21
CA LYS A 73 -28.48 -5.55 3.76
C LYS A 73 -29.26 -6.77 4.24
N SER A 74 -28.66 -7.96 4.17
CA SER A 74 -29.38 -9.19 4.46
C SER A 74 -29.78 -9.32 5.91
N ASN A 75 -29.20 -8.51 6.79
CA ASN A 75 -29.55 -8.51 8.21
C ASN A 75 -30.10 -7.15 8.64
N GLU A 76 -30.86 -6.51 7.76
CA GLU A 76 -31.46 -5.20 8.04
C GLU A 76 -32.97 -5.34 8.17
N GLY A 83 -30.25 -17.58 4.77
CA GLY A 83 -29.27 -18.58 4.35
C GLY A 83 -27.82 -18.11 4.52
N PRO A 84 -26.90 -19.06 4.72
CA PRO A 84 -25.53 -18.70 5.09
C PRO A 84 -24.64 -18.31 3.91
N GLU A 85 -25.17 -18.33 2.70
CA GLU A 85 -24.33 -18.23 1.51
C GLU A 85 -23.58 -16.90 1.44
N VAL A 86 -24.28 -15.78 1.65
CA VAL A 86 -23.62 -14.48 1.53
C VAL A 86 -22.46 -14.38 2.50
N ARG A 87 -22.71 -14.74 3.77
CA ARG A 87 -21.65 -14.74 4.76
C ARG A 87 -20.53 -15.68 4.36
N GLU A 88 -20.89 -16.90 3.96
CA GLU A 88 -19.86 -17.87 3.57
C GLU A 88 -18.98 -17.32 2.45
N TYR A 89 -19.60 -16.70 1.44
CA TYR A 89 -18.81 -16.26 0.30
C TYR A 89 -18.01 -14.99 0.64
N ARG A 90 -18.56 -14.07 1.43
CA ARG A 90 -17.76 -12.94 1.92
C ARG A 90 -16.55 -13.44 2.70
N GLU A 91 -16.75 -14.48 3.53
N GLU A 91 -16.73 -14.46 3.55
CA GLU A 91 -15.66 -15.07 4.29
CA GLU A 91 -15.61 -15.04 4.28
C GLU A 91 -14.60 -15.68 3.39
C GLU A 91 -14.57 -15.59 3.32
N LYS A 92 -15.00 -16.24 2.24
CA LYS A 92 -14.05 -16.84 1.33
C LYS A 92 -13.17 -15.76 0.72
N VAL A 93 -13.80 -14.71 0.20
CA VAL A 93 -13.05 -13.58 -0.34
C VAL A 93 -12.18 -12.97 0.74
N GLU A 94 -12.76 -12.72 1.92
CA GLU A 94 -11.98 -12.13 3.01
C GLU A 94 -10.74 -12.97 3.29
N THR A 95 -10.90 -14.29 3.33
CA THR A 95 -9.76 -15.15 3.66
C THR A 95 -8.69 -15.08 2.57
N GLU A 96 -9.09 -14.95 1.31
N GLU A 96 -9.11 -14.98 1.31
CA GLU A 96 -8.11 -14.84 0.23
CA GLU A 96 -8.18 -14.83 0.19
C GLU A 96 -7.39 -13.50 0.27
C GLU A 96 -7.40 -13.51 0.29
N LEU A 97 -8.11 -12.43 0.61
CA LEU A 97 -7.47 -11.14 0.86
C LEU A 97 -6.43 -11.23 1.97
N GLN A 98 -6.80 -11.84 3.10
CA GLN A 98 -5.88 -11.92 4.22
C GLN A 98 -4.63 -12.70 3.83
N GLY A 99 -4.77 -13.73 3.00
CA GLY A 99 -3.59 -14.48 2.61
C GLY A 99 -2.66 -13.68 1.72
N VAL A 100 -3.22 -12.90 0.80
CA VAL A 100 -2.38 -12.00 0.00
C VAL A 100 -1.63 -11.03 0.91
N CYS A 101 -2.35 -10.39 1.84
CA CYS A 101 -1.71 -9.47 2.77
C CYS A 101 -0.64 -10.17 3.58
N ASP A 102 -0.91 -11.38 4.05
CA ASP A 102 0.11 -12.13 4.79
C ASP A 102 1.31 -12.48 3.90
N THR A 103 1.07 -12.74 2.64
CA THR A 103 2.18 -13.04 1.74
C THR A 103 3.08 -11.81 1.56
N VAL A 104 2.49 -10.64 1.34
CA VAL A 104 3.30 -9.44 1.18
C VAL A 104 4.07 -9.13 2.44
N LEU A 105 3.36 -9.19 3.59
CA LEU A 105 4.01 -8.92 4.86
C LEU A 105 5.14 -9.89 5.12
N GLY A 106 4.97 -11.14 4.70
CA GLY A 106 6.05 -12.10 4.85
C GLY A 106 7.27 -11.77 4.02
N LEU A 107 7.06 -11.21 2.82
CA LEU A 107 8.18 -10.84 1.97
C LEU A 107 8.93 -9.66 2.57
N LEU A 108 8.19 -8.68 3.11
CA LEU A 108 8.80 -7.53 3.75
C LEU A 108 9.61 -7.96 4.95
N ASP A 109 9.08 -8.92 5.70
CA ASP A 109 9.71 -9.38 6.93
C ASP A 109 10.82 -10.39 6.67
N SER A 110 10.86 -10.97 5.46
CA SER A 110 11.80 -12.05 5.12
C SER A 110 12.29 -11.92 3.68
N HIS A 111 13.18 -10.96 3.41
CA HIS A 111 13.90 -10.15 4.39
C HIS A 111 14.13 -8.75 3.85
N LEU A 112 13.14 -8.22 3.12
CA LEU A 112 13.32 -6.97 2.40
C LEU A 112 13.62 -5.81 3.35
N ILE A 113 12.84 -5.68 4.42
CA ILE A 113 13.01 -4.51 5.28
C ILE A 113 14.37 -4.55 5.97
N LYS A 114 14.74 -5.69 6.55
CA LYS A 114 15.97 -5.69 7.33
C LYS A 114 17.21 -5.46 6.47
N GLU A 115 17.16 -5.79 5.17
CA GLU A 115 18.28 -5.52 4.29
C GLU A 115 18.24 -4.12 3.64
N ALA A 116 17.16 -3.36 3.82
CA ALA A 116 17.01 -2.04 3.18
C ALA A 116 17.68 -0.97 4.04
N GLY A 117 18.80 -0.45 3.55
CA GLY A 117 19.53 0.57 4.28
C GLY A 117 19.28 1.97 3.76
N ASP A 118 18.98 2.12 2.47
CA ASP A 118 18.76 3.45 1.94
C ASP A 118 17.37 3.94 2.28
N ALA A 119 17.23 5.26 2.46
CA ALA A 119 15.95 5.83 2.85
C ALA A 119 14.85 5.50 1.84
N GLU A 120 15.18 5.56 0.54
CA GLU A 120 14.16 5.34 -0.49
C GLU A 120 13.63 3.91 -0.43
N SER A 121 14.51 2.94 -0.20
CA SER A 121 14.05 1.57 -0.09
C SER A 121 13.38 1.32 1.25
N ARG A 122 13.99 1.77 2.34
CA ARG A 122 13.45 1.42 3.64
C ARG A 122 12.11 2.07 3.88
N VAL A 123 11.96 3.33 3.47
CA VAL A 123 10.69 4.02 3.61
C VAL A 123 9.63 3.37 2.72
N PHE A 124 10.01 3.00 1.48
CA PHE A 124 9.05 2.36 0.57
C PHE A 124 8.49 1.09 1.20
N TYR A 125 9.38 0.26 1.78
CA TYR A 125 8.95 -1.02 2.31
C TYR A 125 8.15 -0.84 3.59
N LEU A 126 8.53 0.13 4.43
CA LEU A 126 7.77 0.35 5.66
C LEU A 126 6.39 0.91 5.35
N LYS A 127 6.29 1.80 4.36
CA LYS A 127 4.99 2.24 3.87
C LYS A 127 4.15 1.04 3.44
N MET A 128 4.73 0.14 2.64
CA MET A 128 3.98 -1.02 2.18
C MET A 128 3.51 -1.87 3.36
N LYS A 129 4.37 -2.01 4.38
CA LYS A 129 3.98 -2.76 5.56
C LYS A 129 2.74 -2.13 6.19
N GLY A 130 2.75 -0.80 6.34
CA GLY A 130 1.58 -0.10 6.85
C GLY A 130 0.35 -0.32 6.00
N ASP A 131 0.51 -0.19 4.68
CA ASP A 131 -0.59 -0.40 3.74
C ASP A 131 -1.22 -1.77 3.91
N TYR A 132 -0.41 -2.84 4.02
CA TYR A 132 -1.02 -4.18 4.01
C TYR A 132 -1.61 -4.52 5.38
N TYR A 133 -1.08 -3.97 6.48
CA TYR A 133 -1.82 -4.05 7.74
C TYR A 133 -3.10 -3.22 7.67
N ARG A 134 -3.08 -2.07 7.00
CA ARG A 134 -4.32 -1.31 6.85
C ARG A 134 -5.38 -2.13 6.10
N TYR A 135 -4.98 -2.82 5.03
CA TYR A 135 -5.94 -3.66 4.34
C TYR A 135 -6.46 -4.78 5.24
N LEU A 136 -5.59 -5.40 6.06
CA LEU A 136 -6.07 -6.37 7.03
C LEU A 136 -7.03 -5.71 8.01
N ALA A 137 -6.73 -4.47 8.42
CA ALA A 137 -7.59 -3.77 9.37
C ALA A 137 -8.97 -3.52 8.80
N GLU A 138 -9.07 -3.26 7.48
CA GLU A 138 -10.34 -2.93 6.87
C GLU A 138 -11.37 -4.04 7.05
N VAL A 139 -10.94 -5.29 7.19
CA VAL A 139 -11.84 -6.45 7.31
C VAL A 139 -11.77 -7.10 8.68
N ALA A 140 -10.98 -6.53 9.59
CA ALA A 140 -10.78 -7.12 10.90
C ALA A 140 -11.93 -6.76 11.82
N THR A 141 -12.25 -7.68 12.74
CA THR A 141 -13.35 -7.43 13.68
C THR A 141 -13.09 -8.08 15.04
N GLY A 142 -12.08 -7.58 15.76
CA GLY A 142 -12.09 -7.73 17.22
C GLY A 142 -11.11 -8.71 17.84
N ASP A 143 -10.40 -8.24 18.87
CA ASP A 143 -9.37 -9.01 19.58
C ASP A 143 -8.06 -8.90 18.84
N ASP A 144 -8.13 -9.00 17.51
CA ASP A 144 -6.99 -8.71 16.66
C ASP A 144 -7.11 -7.35 15.99
N LYS A 145 -8.32 -6.82 15.84
CA LYS A 145 -8.49 -5.56 15.13
C LYS A 145 -7.61 -4.46 15.72
N LYS A 146 -7.55 -4.37 17.06
CA LYS A 146 -6.74 -3.34 17.69
C LYS A 146 -5.26 -3.57 17.43
N ARG A 147 -4.80 -4.82 17.56
CA ARG A 147 -3.38 -5.08 17.38
C ARG A 147 -2.98 -4.89 15.91
N ILE A 148 -3.86 -5.21 14.97
CA ILE A 148 -3.56 -4.97 13.55
C ILE A 148 -3.43 -3.47 13.29
N ILE A 149 -4.34 -2.68 13.84
CA ILE A 149 -4.31 -1.23 13.68
C ILE A 149 -3.01 -0.70 14.23
N ASP A 150 -2.63 -1.18 15.41
CA ASP A 150 -1.39 -0.73 16.01
C ASP A 150 -0.18 -1.11 15.16
N SER A 151 -0.22 -2.26 14.48
CA SER A 151 0.90 -2.65 13.60
C SER A 151 0.98 -1.75 12.38
N ALA A 152 -0.16 -1.37 11.79
CA ALA A 152 -0.12 -0.40 10.70
C ALA A 152 0.44 0.93 11.19
N ARG A 153 -0.12 1.46 12.28
N ARG A 153 -0.11 1.45 12.29
CA ARG A 153 0.34 2.73 12.84
CA ARG A 153 0.35 2.74 12.81
C ARG A 153 1.85 2.72 13.02
C ARG A 153 1.85 2.73 13.03
N SER A 154 2.36 1.65 13.63
CA SER A 154 3.78 1.58 13.95
C SER A 154 4.64 1.59 12.70
N ALA A 155 4.23 0.83 11.68
CA ALA A 155 4.98 0.81 10.42
C ALA A 155 4.99 2.18 9.78
N TYR A 156 3.81 2.79 9.68
CA TYR A 156 3.72 4.12 9.09
C TYR A 156 4.56 5.13 9.86
N GLN A 157 4.53 5.05 11.20
CA GLN A 157 5.23 6.06 12.00
C GLN A 157 6.74 5.95 11.83
N GLU A 158 7.26 4.72 11.80
CA GLU A 158 8.69 4.56 11.56
C GLU A 158 9.07 5.11 10.18
N ALA A 159 8.23 4.85 9.17
CA ALA A 159 8.51 5.34 7.84
C ALA A 159 8.45 6.86 7.78
N MET A 160 7.51 7.47 8.49
CA MET A 160 7.43 8.92 8.53
C MET A 160 8.68 9.53 9.15
N ASP A 161 9.14 8.95 10.28
CA ASP A 161 10.31 9.51 10.97
C ASP A 161 11.53 9.49 10.05
N ILE A 162 11.76 8.36 9.36
CA ILE A 162 12.88 8.28 8.42
C ILE A 162 12.71 9.30 7.31
N SER A 163 11.50 9.37 6.74
CA SER A 163 11.28 10.22 5.57
C SER A 163 11.51 11.68 5.92
N LYS A 164 11.13 12.08 7.13
CA LYS A 164 11.30 13.48 7.52
C LYS A 164 12.76 13.81 7.74
N LYS A 165 13.53 12.86 8.25
CA LYS A 165 14.96 13.07 8.40
C LYS A 165 15.70 13.01 7.07
N GLU A 166 15.30 12.12 6.15
CA GLU A 166 16.17 11.77 5.03
C GLU A 166 15.69 12.22 3.66
N MET A 167 14.45 12.65 3.49
CA MET A 167 13.95 12.94 2.17
C MET A 167 13.40 14.36 2.16
N PRO A 168 13.40 15.01 1.00
CA PRO A 168 12.80 16.35 0.89
C PRO A 168 11.29 16.25 0.94
N PRO A 169 10.59 17.33 1.29
CA PRO A 169 9.11 17.25 1.42
C PRO A 169 8.41 16.91 0.14
N THR A 170 9.05 17.05 -1.02
CA THR A 170 8.37 16.74 -2.29
C THR A 170 8.66 15.32 -2.79
N ASN A 171 9.54 14.60 -2.12
CA ASN A 171 9.83 13.24 -2.55
C ASN A 171 8.54 12.44 -2.73
N PRO A 172 8.29 11.87 -3.91
CA PRO A 172 7.02 11.15 -4.12
C PRO A 172 6.78 10.01 -3.15
N ILE A 173 7.83 9.32 -2.69
CA ILE A 173 7.61 8.26 -1.72
C ILE A 173 7.17 8.85 -0.40
N ARG A 174 7.88 9.89 0.06
CA ARG A 174 7.46 10.61 1.26
C ARG A 174 6.01 11.09 1.14
N LEU A 175 5.64 11.64 -0.03
CA LEU A 175 4.27 12.12 -0.25
C LEU A 175 3.25 11.00 -0.25
N GLY A 176 3.53 9.90 -0.94
CA GLY A 176 2.59 8.79 -0.95
C GLY A 176 2.43 8.17 0.42
N LEU A 177 3.53 8.16 1.20
CA LEU A 177 3.48 7.70 2.58
C LEU A 177 2.53 8.56 3.39
N ALA A 178 2.75 9.86 3.38
CA ALA A 178 1.96 10.75 4.20
C ALA A 178 0.50 10.70 3.79
N LEU A 179 0.24 10.60 2.50
CA LEU A 179 -1.12 10.43 1.99
C LEU A 179 -1.80 9.21 2.63
N ASN A 180 -1.13 8.05 2.55
CA ASN A 180 -1.74 6.81 3.04
C ASN A 180 -1.89 6.79 4.55
N PHE A 181 -0.95 7.40 5.28
CA PHE A 181 -1.07 7.51 6.72
C PHE A 181 -2.28 8.35 7.09
N SER A 182 -2.55 9.39 6.30
CA SER A 182 -3.69 10.26 6.56
C SER A 182 -4.97 9.50 6.29
N VAL A 183 -4.98 8.66 5.25
CA VAL A 183 -6.13 7.78 5.00
C VAL A 183 -6.33 6.83 6.17
N PHE A 184 -5.24 6.22 6.63
CA PHE A 184 -5.28 5.39 7.81
C PHE A 184 -5.96 6.11 8.96
N HIS A 185 -5.53 7.36 9.22
CA HIS A 185 -6.10 8.11 10.33
C HIS A 185 -7.60 8.30 10.14
N TYR A 186 -8.02 8.67 8.92
CA TYR A 186 -9.43 8.96 8.67
C TYR A 186 -10.28 7.68 8.63
N GLU A 187 -9.82 6.67 7.90
CA GLU A 187 -10.68 5.52 7.60
C GLU A 187 -10.58 4.42 8.65
N ILE A 188 -9.44 4.26 9.30
CA ILE A 188 -9.19 3.11 10.15
C ILE A 188 -9.15 3.51 11.61
N ALA A 189 -8.50 4.63 11.92
CA ALA A 189 -8.18 4.97 13.30
C ALA A 189 -9.21 5.92 13.92
N ASN A 190 -10.27 6.25 13.21
CA ASN A 190 -11.26 7.19 13.70
C ASN A 190 -10.62 8.48 14.21
N SER A 191 -9.63 8.99 13.47
CA SER A 191 -8.95 10.22 13.84
C SER A 191 -8.99 11.19 12.67
N PRO A 192 -10.17 11.64 12.28
CA PRO A 192 -10.25 12.55 11.14
C PRO A 192 -9.49 13.85 11.32
N GLU A 193 -9.36 14.35 12.55
CA GLU A 193 -8.62 15.59 12.71
C GLU A 193 -7.14 15.39 12.43
N GLU A 194 -6.59 14.27 12.89
CA GLU A 194 -5.21 13.97 12.57
C GLU A 194 -5.05 13.80 11.07
N ALA A 195 -5.98 13.09 10.43
CA ALA A 195 -5.93 12.92 8.98
C ALA A 195 -5.85 14.26 8.26
N ILE A 196 -6.73 15.18 8.62
CA ILE A 196 -6.78 16.47 7.96
C ILE A 196 -5.51 17.27 8.24
N SER A 197 -5.05 17.24 9.49
N SER A 197 -5.07 17.30 9.51
CA SER A 197 -3.88 18.01 9.89
CA SER A 197 -3.85 18.05 9.84
C SER A 197 -2.61 17.53 9.20
C SER A 197 -2.66 17.54 9.03
N LEU A 198 -2.48 16.22 9.01
CA LEU A 198 -1.32 15.66 8.32
C LEU A 198 -1.35 16.02 6.83
N ALA A 199 -2.54 15.91 6.21
CA ALA A 199 -2.65 16.16 4.76
C ALA A 199 -2.33 17.61 4.43
N LYS A 200 -2.76 18.53 5.30
CA LYS A 200 -2.52 19.97 5.12
C LYS A 200 -1.05 20.30 5.27
N THR A 201 -0.47 19.86 6.40
CA THR A 201 0.95 20.08 6.65
C THR A 201 1.79 19.48 5.55
N THR A 202 1.44 18.26 5.11
CA THR A 202 2.19 17.61 4.03
C THR A 202 2.11 18.41 2.74
N PHE A 203 0.91 18.87 2.40
CA PHE A 203 0.71 19.61 1.16
C PHE A 203 1.47 20.94 1.18
N ASP A 204 1.37 21.68 2.27
CA ASP A 204 1.97 23.01 2.38
C ASP A 204 3.50 22.94 2.37
N GLU A 205 4.09 21.97 3.04
CA GLU A 205 5.54 21.84 3.01
C GLU A 205 6.04 21.36 1.65
N ALA A 206 5.27 20.57 0.92
CA ALA A 206 5.69 20.23 -0.43
C ALA A 206 5.58 21.45 -1.34
N MET A 207 4.47 22.17 -1.26
CA MET A 207 4.34 23.35 -2.11
C MET A 207 5.53 24.28 -1.97
N ALA A 208 6.02 24.46 -0.74
CA ALA A 208 7.12 25.38 -0.50
C ALA A 208 8.45 24.82 -0.98
N ASP A 209 8.50 23.56 -1.38
CA ASP A 209 9.72 22.95 -1.90
C ASP A 209 9.64 22.71 -3.41
N LEU A 210 8.52 23.04 -4.05
CA LEU A 210 8.36 22.73 -5.48
C LEU A 210 9.35 23.53 -6.32
N HIS A 211 9.73 24.71 -5.86
CA HIS A 211 10.60 25.57 -6.65
C HIS A 211 11.96 24.93 -6.90
N THR A 212 12.32 23.89 -6.14
CA THR A 212 13.63 23.26 -6.32
C THR A 212 13.64 22.19 -7.39
N LEU A 213 12.48 21.82 -7.92
CA LEU A 213 12.36 20.68 -8.80
C LEU A 213 12.44 21.02 -10.29
N SER A 214 12.89 20.04 -11.04
CA SER A 214 12.76 20.03 -12.49
C SER A 214 11.32 19.82 -12.92
N GLU A 215 11.10 20.03 -14.22
CA GLU A 215 9.77 19.83 -14.81
C GLU A 215 9.22 18.44 -14.53
N ASP A 216 10.02 17.40 -14.75
CA ASP A 216 9.50 16.05 -14.58
C ASP A 216 9.29 15.71 -13.10
N SER A 217 10.19 16.16 -12.22
CA SER A 217 9.97 15.93 -10.79
C SER A 217 8.77 16.72 -10.27
N TYR A 218 8.62 17.97 -10.72
CA TYR A 218 7.44 18.76 -10.40
C TYR A 218 6.15 18.02 -10.73
N LYS A 219 6.07 17.39 -11.92
CA LYS A 219 4.89 16.63 -12.31
C LYS A 219 4.64 15.45 -11.35
N ASP A 220 5.70 14.68 -11.05
CA ASP A 220 5.57 13.59 -10.08
C ASP A 220 5.02 14.08 -8.74
N SER A 221 5.60 15.14 -8.17
CA SER A 221 5.16 15.59 -6.85
C SER A 221 3.75 16.16 -6.88
N THR A 222 3.45 17.01 -7.86
CA THR A 222 2.14 17.66 -7.86
C THR A 222 1.03 16.63 -8.09
N LEU A 223 1.34 15.55 -8.77
CA LEU A 223 0.35 14.49 -8.91
C LEU A 223 -0.10 13.97 -7.54
N ILE A 224 0.85 13.69 -6.65
CA ILE A 224 0.46 13.17 -5.34
C ILE A 224 -0.17 14.26 -4.50
N MET A 225 0.32 15.50 -4.63
CA MET A 225 -0.26 16.61 -3.87
C MET A 225 -1.73 16.77 -4.19
N GLN A 226 -2.09 16.54 -5.47
CA GLN A 226 -3.50 16.67 -5.84
C GLN A 226 -4.35 15.64 -5.11
N LEU A 227 -3.84 14.43 -4.89
CA LEU A 227 -4.59 13.44 -4.12
C LEU A 227 -4.83 13.90 -2.70
N LEU A 228 -3.80 14.50 -2.07
CA LEU A 228 -3.98 15.12 -0.76
C LEU A 228 -5.06 16.17 -0.82
N ARG A 229 -5.04 17.02 -1.85
CA ARG A 229 -6.08 18.04 -1.97
C ARG A 229 -7.47 17.40 -2.19
N ASP A 230 -7.55 16.40 -3.07
CA ASP A 230 -8.85 15.74 -3.27
C ASP A 230 -9.41 15.22 -1.96
N ASN A 231 -8.55 14.63 -1.11
CA ASN A 231 -9.05 14.10 0.17
C ASN A 231 -9.47 15.22 1.10
N LEU A 232 -8.68 16.29 1.19
CA LEU A 232 -9.07 17.43 2.00
C LEU A 232 -10.43 17.98 1.59
N THR A 233 -10.70 18.02 0.27
CA THR A 233 -12.01 18.46 -0.21
C THR A 233 -13.12 17.50 0.23
N LEU A 234 -12.83 16.20 0.19
CA LEU A 234 -13.77 15.19 0.66
C LEU A 234 -13.99 15.27 2.17
N TRP A 235 -12.95 15.62 2.92
CA TRP A 235 -13.00 15.46 4.36
C TRP A 235 -13.46 16.71 5.10
N THR A 236 -13.45 17.86 4.45
CA THR A 236 -13.77 19.11 5.12
C THR A 236 -14.98 19.79 4.45
N ARG B 1 -13.60 5.65 0.17
CA ARG B 1 -13.91 6.82 -0.66
C ARG B 1 -12.69 7.74 -0.74
N SER B 2 -11.81 7.67 0.25
CA SER B 2 -10.60 8.48 0.27
C SER B 2 -9.55 7.93 -0.69
N HIS B 3 -8.89 8.82 -1.41
CA HIS B 3 -7.84 8.45 -2.37
C HIS B 3 -6.54 8.06 -1.66
N SER B 5 -2.36 6.32 -2.27
CA SER B 5 -1.23 6.49 -3.16
C SER B 5 -1.30 5.51 -4.34
N PRO B 6 -0.94 5.95 -5.54
CA PRO B 6 -0.61 4.98 -6.61
C PRO B 6 0.44 4.00 -6.10
N ALA B 7 0.45 2.81 -6.69
CA ALA B 7 1.45 1.79 -6.34
C ALA B 7 2.87 2.23 -6.69
N SER B 8 3.02 2.94 -7.79
CA SER B 8 4.33 3.23 -8.36
C SER B 8 4.74 4.65 -7.98
N LEU B 9 5.94 4.79 -7.38
CA LEU B 9 6.39 6.08 -6.83
C LEU B 9 7.86 6.33 -7.21
N GLN B 10 8.11 7.49 -7.82
CA GLN B 10 9.44 7.86 -8.30
C GLN B 10 10.20 8.72 -7.28
#